data_7V4G
#
_entry.id   7V4G
#
_cell.length_a   76.474
_cell.length_b   76.474
_cell.length_c   106.347
_cell.angle_alpha   90.000
_cell.angle_beta   90.000
_cell.angle_gamma   120.000
#
_symmetry.space_group_name_H-M   'P 32'
#
loop_
_entity.id
_entity.type
_entity.pdbx_description
1 polymer "RNA (5'-R(P*GP*GP*(6MZ)P*C)-3')"
2 polymer 'RNA demethylase ALKBH5'
3 non-polymer GLYCEROL
4 non-polymer 'MANGANESE (II) ION'
5 non-polymer 'SULFATE ION'
6 water water
#
loop_
_entity_poly.entity_id
_entity_poly.type
_entity_poly.pdbx_seq_one_letter_code
_entity_poly.pdbx_strand_id
1 'polyribonucleotide' UGG(6MZ)CUGC D,E,F
2 'polypeptide(L)'
;SQQLQKEEEARKVKSGIRQMRLFSQDECAKIEARIDEVVSRAEKGLYNEHTVDRAPLRNKYFFGEGYTYGAQLQKRGPGQ
ERLYPPGDVDEIPEWVHQLVIQKLVEHRVIPEGFVNSAVINDYQPGGCIVSHVDPIHIFERPIVSVSFFSDSALCFGCKF
QFKPIRVSEPVLSLPVRRGSVTVLSGYAADEITHCIRPQDIKERRAVIILRKTRLDAPRL
;
A,B,C
#
# COMPACT_ATOMS: atom_id res chain seq x y z
N GLU D 9 -7.30 14.77 -38.49
CA GLU D 9 -6.09 14.16 -37.91
C GLU D 9 -6.38 13.64 -36.49
N ALA D 10 -7.19 14.36 -35.72
CA ALA D 10 -7.61 13.83 -34.43
C ALA D 10 -8.44 12.56 -34.61
N ARG D 11 -9.37 12.57 -35.59
CA ARG D 11 -10.15 11.36 -35.90
C ARG D 11 -9.24 10.26 -36.42
N LYS D 12 -8.24 10.62 -37.23
CA LYS D 12 -7.31 9.60 -37.73
C LYS D 12 -6.55 8.94 -36.59
N VAL D 13 -6.08 9.73 -35.62
CA VAL D 13 -5.37 9.16 -34.48
C VAL D 13 -6.30 8.20 -33.71
N LYS D 14 -7.58 8.55 -33.62
CA LYS D 14 -8.51 7.75 -32.84
C LYS D 14 -8.61 6.32 -33.37
N SER D 15 -8.55 6.14 -34.69
CA SER D 15 -8.72 4.81 -35.26
C SER D 15 -7.59 3.87 -34.87
N GLY D 16 -6.46 4.40 -34.42
CA GLY D 16 -5.31 3.60 -34.03
C GLY D 16 -5.11 3.43 -32.54
N ILE D 17 -6.09 3.79 -31.71
CA ILE D 17 -5.98 3.75 -30.27
C ILE D 17 -6.92 2.67 -29.75
N ARG D 18 -6.38 1.73 -29.00
CA ARG D 18 -7.13 0.76 -28.23
C ARG D 18 -6.77 0.99 -26.77
N GLN D 19 -7.79 1.14 -25.94
CA GLN D 19 -7.53 1.37 -24.53
C GLN D 19 -8.55 0.60 -23.73
N MET D 20 -8.08 -0.12 -22.72
CA MET D 20 -8.96 -0.92 -21.89
C MET D 20 -8.39 -1.04 -20.49
N ARG D 21 -9.30 -1.21 -19.52
CA ARG D 21 -8.89 -1.44 -18.14
C ARG D 21 -8.65 -2.94 -18.03
N LEU D 22 -7.44 -3.32 -17.61
CA LEU D 22 -7.07 -4.73 -17.52
C LEU D 22 -6.56 -5.13 -16.14
N PHE D 23 -5.93 -4.22 -15.41
CA PHE D 23 -5.28 -4.55 -14.15
C PHE D 23 -6.05 -4.00 -12.96
N SER D 24 -6.22 -4.83 -11.94
CA SER D 24 -6.90 -4.45 -10.72
C SER D 24 -5.94 -3.71 -9.80
N GLN D 25 -6.48 -3.18 -8.68
CA GLN D 25 -5.66 -2.39 -7.77
C GLN D 25 -4.59 -3.24 -7.11
N ASP D 26 -4.99 -4.44 -6.66
CA ASP D 26 -4.04 -5.37 -6.05
C ASP D 26 -2.97 -5.80 -7.06
N GLU D 27 -3.36 -6.04 -8.30
CA GLU D 27 -2.36 -6.38 -9.30
C GLU D 27 -1.42 -5.21 -9.58
N CYS D 28 -1.96 -4.00 -9.60
CA CYS D 28 -1.09 -2.84 -9.79
C CYS D 28 -0.17 -2.67 -8.59
N ALA D 29 -0.68 -2.90 -7.37
CA ALA D 29 0.14 -2.74 -6.17
C ALA D 29 1.29 -3.75 -6.13
N LYS D 30 1.05 -4.96 -6.61
CA LYS D 30 2.10 -5.97 -6.69
C LYS D 30 3.15 -5.60 -7.74
N ILE D 31 2.70 -5.15 -8.91
CA ILE D 31 3.63 -4.74 -9.95
C ILE D 31 4.37 -3.46 -9.56
N GLU D 32 3.66 -2.51 -8.96
CA GLU D 32 4.32 -1.28 -8.51
C GLU D 32 5.40 -1.57 -7.48
N ALA D 33 5.22 -2.61 -6.68
CA ALA D 33 6.32 -3.05 -5.82
C ALA D 33 7.46 -3.62 -6.65
N ARG D 34 7.17 -4.39 -7.70
CA ARG D 34 8.23 -4.90 -8.56
C ARG D 34 8.96 -3.74 -9.26
N ILE D 35 8.21 -2.70 -9.63
CA ILE D 35 8.84 -1.51 -10.19
C ILE D 35 9.75 -0.85 -9.15
N ASP D 36 9.29 -0.73 -7.90
CA ASP D 36 10.14 -0.14 -6.87
C ASP D 36 11.37 -0.98 -6.60
N GLU D 37 11.29 -2.29 -6.80
CA GLU D 37 12.49 -3.11 -6.66
C GLU D 37 13.41 -2.98 -7.86
N VAL D 38 12.87 -2.70 -9.05
CA VAL D 38 13.74 -2.42 -10.20
C VAL D 38 14.51 -1.13 -10.00
N VAL D 39 13.85 -0.10 -9.44
CA VAL D 39 14.51 1.17 -9.18
C VAL D 39 15.61 0.97 -8.13
N SER D 40 15.34 0.17 -7.10
CA SER D 40 16.32 -0.06 -6.05
C SER D 40 17.55 -0.80 -6.59
N ARG D 41 17.33 -1.85 -7.40
CA ARG D 41 18.46 -2.60 -7.95
C ARG D 41 19.31 -1.73 -8.89
N ALA D 42 18.67 -0.87 -9.68
CA ALA D 42 19.41 0.05 -10.55
C ALA D 42 20.25 1.04 -9.76
N GLU D 43 19.74 1.50 -8.62
CA GLU D 43 20.50 2.42 -7.75
C GLU D 43 21.66 1.71 -7.05
N LYS D 44 21.61 0.39 -6.93
CA LYS D 44 22.69 -0.37 -6.31
C LYS D 44 23.74 -0.82 -7.31
N GLY D 45 23.61 -0.43 -8.58
CA GLY D 45 24.57 -0.81 -9.60
C GLY D 45 24.55 -2.28 -9.94
N LEU D 46 23.43 -2.96 -9.72
CA LEU D 46 23.32 -4.39 -9.97
C LEU D 46 22.75 -4.74 -11.33
N TYR D 47 22.45 -3.77 -12.18
CA TYR D 47 21.99 -4.00 -13.55
C TYR D 47 23.11 -3.69 -14.53
N ASN D 48 22.98 -4.22 -15.75
CA ASN D 48 23.95 -3.87 -16.77
C ASN D 48 23.85 -2.37 -17.06
N GLU D 49 24.94 -1.83 -17.63
CA GLU D 49 25.04 -0.40 -17.81
C GLU D 49 23.89 0.14 -18.65
N HIS D 50 23.60 -0.53 -19.75
CA HIS D 50 22.65 -0.04 -20.74
C HIS D 50 21.22 -0.40 -20.38
N THR D 51 21.02 -1.14 -19.29
CA THR D 51 19.68 -1.37 -18.78
C THR D 51 19.07 -0.08 -18.25
N VAL D 52 19.88 0.78 -17.65
CA VAL D 52 19.40 1.96 -16.94
C VAL D 52 19.74 3.20 -17.74
N ASP D 53 18.71 3.99 -18.06
CA ASP D 53 18.86 5.29 -18.69
C ASP D 53 18.31 6.35 -17.73
N ARG D 54 19.17 7.27 -17.30
CA ARG D 54 18.82 8.27 -16.30
C ARG D 54 18.76 9.67 -16.92
N ALA D 55 17.68 10.38 -16.60
CA ALA D 55 17.41 11.76 -16.95
C ALA D 55 16.88 12.45 -15.70
N PRO D 56 16.91 13.80 -15.65
CA PRO D 56 16.53 14.49 -14.41
C PRO D 56 15.21 14.05 -13.76
N LEU D 57 14.13 13.94 -14.52
CA LEU D 57 12.84 13.58 -13.93
C LEU D 57 12.25 12.32 -14.56
N ARG D 58 13.04 11.57 -15.33
CA ARG D 58 12.54 10.33 -15.92
C ARG D 58 13.66 9.30 -15.98
N ASN D 59 13.37 8.07 -15.58
CA ASN D 59 14.29 6.95 -15.74
C ASN D 59 13.66 5.89 -16.64
N LYS D 60 14.44 5.39 -17.59
CA LYS D 60 14.04 4.33 -18.49
C LYS D 60 14.80 3.07 -18.14
N TYR D 61 14.10 1.95 -18.02
CA TYR D 61 14.71 0.66 -17.72
C TYR D 61 14.43 -0.29 -18.90
N PHE D 62 15.49 -0.65 -19.63
CA PHE D 62 15.40 -1.45 -20.85
C PHE D 62 15.66 -2.92 -20.52
N PHE D 63 14.68 -3.78 -20.83
CA PHE D 63 14.81 -5.22 -20.67
C PHE D 63 14.53 -5.93 -21.98
N GLY D 64 15.32 -6.95 -22.28
CA GLY D 64 15.17 -7.68 -23.53
C GLY D 64 15.84 -7.01 -24.71
N GLU D 65 15.38 -5.80 -25.04
CA GLU D 65 15.95 -4.96 -26.08
C GLU D 65 15.82 -3.50 -25.66
N GLY D 66 16.93 -2.75 -25.74
CA GLY D 66 16.96 -1.32 -25.51
C GLY D 66 17.24 -0.56 -26.79
N TYR D 67 17.22 0.76 -26.68
CA TYR D 67 17.43 1.58 -27.86
C TYR D 67 18.14 2.86 -27.46
N THR D 68 18.91 3.43 -28.38
CA THR D 68 19.47 4.74 -28.17
C THR D 68 18.50 5.79 -28.68
N TYR D 69 18.56 6.99 -28.10
CA TYR D 69 17.62 8.04 -28.46
C TYR D 69 18.22 9.39 -28.10
N GLY D 70 17.73 10.42 -28.78
CA GLY D 70 18.04 11.79 -28.39
C GLY D 70 19.52 12.12 -28.46
N ALA D 71 20.04 12.65 -27.34
CA ALA D 71 21.43 13.10 -27.23
C ALA D 71 22.43 11.96 -27.32
N GLN D 72 21.99 10.71 -27.09
CA GLN D 72 22.86 9.58 -27.30
C GLN D 72 23.10 9.33 -28.78
N LEU D 73 22.39 10.06 -29.65
CA LEU D 73 22.59 9.96 -31.08
C LEU D 73 23.57 11.05 -31.49
N GLN D 74 24.76 10.61 -31.92
CA GLN D 74 25.77 11.52 -32.44
C GLN D 74 25.27 12.21 -33.70
N LYS D 75 24.71 11.44 -34.63
CA LYS D 75 24.13 12.02 -35.82
C LYS D 75 22.62 11.89 -35.64
N ARG D 76 22.01 12.98 -35.21
CA ARG D 76 20.56 13.04 -35.06
C ARG D 76 19.91 12.94 -36.43
N GLY D 77 18.76 12.28 -36.49
CA GLY D 77 18.07 12.18 -37.74
C GLY D 77 17.07 11.05 -37.77
N PRO D 78 16.18 11.07 -38.76
CA PRO D 78 15.25 9.95 -38.93
C PRO D 78 16.04 8.67 -39.19
N GLY D 79 15.67 7.62 -38.48
CA GLY D 79 16.32 6.33 -38.66
C GLY D 79 17.64 6.16 -37.97
N GLN D 80 18.01 7.06 -37.05
CA GLN D 80 19.32 6.99 -36.42
C GLN D 80 19.34 6.19 -35.11
N GLU D 81 18.19 5.98 -34.47
CA GLU D 81 18.15 5.18 -33.26
C GLU D 81 18.62 3.75 -33.54
N ARG D 82 19.27 3.16 -32.55
CA ARG D 82 19.85 1.83 -32.67
C ARG D 82 19.47 0.98 -31.47
N LEU D 83 19.26 -0.32 -31.72
CA LEU D 83 19.25 -1.28 -30.64
C LEU D 83 20.67 -1.48 -30.13
N TYR D 84 20.78 -1.93 -28.88
CA TYR D 84 22.06 -2.25 -28.28
C TYR D 84 22.57 -3.60 -28.79
N PRO D 85 23.84 -3.92 -28.56
CA PRO D 85 24.37 -5.21 -29.00
C PRO D 85 23.61 -6.36 -28.37
N PRO D 86 23.58 -7.51 -29.06
CA PRO D 86 22.76 -8.64 -28.56
C PRO D 86 23.21 -9.08 -27.18
N GLY D 87 22.22 -9.29 -26.30
CA GLY D 87 22.56 -9.72 -24.96
C GLY D 87 23.19 -8.66 -24.07
N ASP D 88 23.09 -7.38 -24.43
CA ASP D 88 23.66 -6.30 -23.62
C ASP D 88 22.73 -5.92 -22.47
N VAL D 89 21.52 -5.41 -22.78
CA VAL D 89 20.56 -5.05 -21.72
C VAL D 89 20.09 -6.33 -21.03
N ASP D 90 19.62 -6.16 -19.80
CA ASP D 90 19.17 -7.30 -19.00
C ASP D 90 17.93 -7.93 -19.61
N GLU D 91 17.75 -9.22 -19.32
CA GLU D 91 16.60 -9.98 -19.81
C GLU D 91 15.32 -9.48 -19.13
N ILE D 92 14.20 -9.73 -19.79
CA ILE D 92 12.90 -9.33 -19.22
C ILE D 92 12.70 -10.04 -17.89
N PRO D 93 12.40 -9.30 -16.83
CA PRO D 93 12.25 -9.94 -15.53
C PRO D 93 11.11 -10.94 -15.53
N GLU D 94 11.27 -11.96 -14.70
CA GLU D 94 10.26 -13.01 -14.61
C GLU D 94 8.93 -12.40 -14.18
N TRP D 95 8.97 -11.41 -13.29
CA TRP D 95 7.71 -10.82 -12.84
C TRP D 95 7.01 -10.08 -13.98
N VAL D 96 7.77 -9.60 -14.97
CA VAL D 96 7.16 -8.96 -16.13
C VAL D 96 6.41 -9.98 -16.99
N HIS D 97 7.01 -11.16 -17.20
CA HIS D 97 6.34 -12.21 -17.96
C HIS D 97 5.03 -12.63 -17.27
N GLN D 98 5.13 -13.09 -16.03
CA GLN D 98 3.98 -13.62 -15.31
C GLN D 98 2.93 -12.54 -15.04
N LEU D 99 3.34 -11.44 -14.40
CA LEU D 99 2.37 -10.43 -13.97
C LEU D 99 1.86 -9.57 -15.11
N VAL D 100 2.71 -9.14 -16.03
CA VAL D 100 2.29 -8.20 -17.06
C VAL D 100 2.06 -8.87 -18.41
N ILE D 101 2.96 -9.75 -18.85
CA ILE D 101 2.90 -10.16 -20.25
C ILE D 101 1.96 -11.34 -20.43
N GLN D 102 1.85 -12.19 -19.43
CA GLN D 102 0.90 -13.29 -19.50
C GLN D 102 -0.53 -12.81 -19.43
N LYS D 103 -0.78 -11.70 -18.71
CA LYS D 103 -2.13 -11.14 -18.71
C LYS D 103 -2.50 -10.60 -20.08
N LEU D 104 -1.54 -10.03 -20.79
CA LEU D 104 -1.85 -9.44 -22.08
C LEU D 104 -2.09 -10.51 -23.13
N VAL D 105 -1.33 -11.62 -23.08
CA VAL D 105 -1.53 -12.71 -24.03
C VAL D 105 -2.85 -13.43 -23.76
N GLU D 106 -3.19 -13.65 -22.49
CA GLU D 106 -4.44 -14.33 -22.14
C GLU D 106 -5.68 -13.50 -22.49
N HIS D 107 -5.53 -12.18 -22.60
CA HIS D 107 -6.64 -11.33 -22.99
C HIS D 107 -6.59 -10.89 -24.44
N ARG D 108 -5.77 -11.57 -25.26
CA ARG D 108 -5.74 -11.42 -26.71
C ARG D 108 -5.29 -10.03 -27.15
N VAL D 109 -4.62 -9.29 -26.27
CA VAL D 109 -4.10 -7.98 -26.65
C VAL D 109 -2.99 -8.14 -27.68
N ILE D 110 -2.07 -9.07 -27.44
CA ILE D 110 -0.97 -9.34 -28.36
C ILE D 110 -0.74 -10.84 -28.43
N PRO D 111 -0.15 -11.31 -29.53
CA PRO D 111 0.15 -12.73 -29.64
C PRO D 111 1.22 -13.14 -28.64
N GLU D 112 1.19 -14.43 -28.30
CA GLU D 112 2.27 -15.00 -27.52
C GLU D 112 3.55 -15.00 -28.36
N GLY D 113 4.67 -14.66 -27.71
CA GLY D 113 5.92 -14.52 -28.43
C GLY D 113 6.04 -13.23 -29.22
N PHE D 114 5.12 -12.29 -29.04
CA PHE D 114 5.22 -11.00 -29.70
C PHE D 114 6.25 -10.12 -29.00
N VAL D 115 6.15 -10.03 -27.68
CA VAL D 115 6.93 -9.09 -26.90
C VAL D 115 8.33 -9.65 -26.66
N ASN D 116 9.34 -8.96 -27.18
CA ASN D 116 10.72 -9.25 -26.84
C ASN D 116 11.42 -8.05 -26.22
N SER D 117 10.69 -6.96 -26.02
CA SER D 117 11.21 -5.74 -25.41
C SER D 117 10.21 -5.24 -24.39
N ALA D 118 10.65 -5.08 -23.14
CA ALA D 118 9.83 -4.52 -22.08
C ALA D 118 10.59 -3.36 -21.44
N VAL D 119 10.08 -2.15 -21.59
CA VAL D 119 10.70 -0.93 -21.10
C VAL D 119 9.78 -0.31 -20.06
N ILE D 120 10.35 0.02 -18.91
CA ILE D 120 9.65 0.69 -17.81
C ILE D 120 10.14 2.14 -17.80
N ASN D 121 9.25 3.08 -18.01
CA ASN D 121 9.54 4.47 -17.93
C ASN D 121 9.00 4.97 -16.57
N ASP D 122 9.84 5.55 -15.71
CA ASP D 122 9.48 6.04 -14.38
C ASP D 122 9.58 7.57 -14.35
N TYR D 123 8.47 8.25 -14.11
CA TYR D 123 8.37 9.70 -14.15
C TYR D 123 8.18 10.25 -12.74
N GLN D 124 8.97 11.23 -12.39
CA GLN D 124 8.74 12.03 -11.19
C GLN D 124 7.81 13.16 -11.53
N PRO D 125 7.15 13.75 -10.53
CA PRO D 125 6.24 14.87 -10.81
C PRO D 125 6.93 15.95 -11.63
N GLY D 126 6.24 16.44 -12.66
CA GLY D 126 6.80 17.41 -13.57
C GLY D 126 7.65 16.84 -14.68
N GLY D 127 7.85 15.52 -14.73
CA GLY D 127 8.61 14.91 -15.80
C GLY D 127 7.85 14.89 -17.12
N CYS D 128 8.56 14.52 -18.18
CA CYS D 128 7.97 14.55 -19.52
C CYS D 128 8.81 13.71 -20.46
N ILE D 129 8.29 13.56 -21.67
CA ILE D 129 9.07 13.03 -22.78
C ILE D 129 8.64 13.78 -24.03
N VAL D 130 9.60 14.37 -24.75
CA VAL D 130 9.18 15.25 -25.86
C VAL D 130 8.70 14.42 -27.05
N SER D 131 7.91 15.08 -27.88
CA SER D 131 7.20 14.41 -28.97
C SER D 131 8.16 13.61 -29.83
N HIS D 132 7.74 12.39 -30.17
CA HIS D 132 8.53 11.46 -30.96
C HIS D 132 7.61 10.38 -31.51
N VAL D 133 8.05 9.76 -32.60
CA VAL D 133 7.45 8.52 -33.12
C VAL D 133 8.33 7.39 -32.64
N ASP D 134 7.75 6.34 -32.07
CA ASP D 134 8.56 5.19 -31.72
C ASP D 134 9.22 4.68 -33.00
N PRO D 135 10.55 4.57 -33.05
CA PRO D 135 11.23 4.40 -34.35
C PRO D 135 10.65 3.29 -35.21
N ILE D 136 10.09 3.67 -36.36
CA ILE D 136 9.49 2.72 -37.29
C ILE D 136 10.53 1.73 -37.80
N HIS D 137 11.79 2.16 -37.93
CA HIS D 137 12.82 1.24 -38.39
C HIS D 137 13.28 0.26 -37.32
N ILE D 138 12.89 0.45 -36.05
CA ILE D 138 13.25 -0.43 -34.95
C ILE D 138 12.07 -1.30 -34.49
N PHE D 139 10.90 -0.69 -34.31
CA PHE D 139 9.82 -1.39 -33.64
C PHE D 139 8.69 -1.73 -34.59
N GLU D 140 8.23 -2.96 -34.47
CA GLU D 140 7.00 -3.42 -35.08
C GLU D 140 5.82 -2.84 -34.29
N ARG D 141 4.67 -2.89 -34.92
CA ARG D 141 3.40 -2.47 -34.35
C ARG D 141 2.53 -3.71 -34.06
N PRO D 142 1.59 -3.62 -33.09
CA PRO D 142 1.23 -2.46 -32.27
C PRO D 142 2.17 -2.24 -31.08
N ILE D 143 2.00 -1.09 -30.41
CA ILE D 143 2.78 -0.69 -29.24
C ILE D 143 1.85 -0.74 -28.03
N VAL D 144 2.23 -1.49 -27.01
CA VAL D 144 1.38 -1.77 -25.86
C VAL D 144 1.96 -1.10 -24.62
N SER D 145 1.12 -0.35 -23.92
CA SER D 145 1.54 0.37 -22.72
C SER D 145 0.58 0.08 -21.59
N VAL D 146 1.14 -0.14 -20.40
CA VAL D 146 0.37 -0.36 -19.17
C VAL D 146 0.88 0.66 -18.15
N SER D 147 -0.03 1.44 -17.59
CA SER D 147 0.30 2.54 -16.69
C SER D 147 0.22 2.14 -15.22
N PHE D 148 1.08 2.75 -14.39
CA PHE D 148 1.12 2.41 -12.97
C PHE D 148 1.39 3.66 -12.13
N PHE D 149 1.02 3.55 -10.84
CA PHE D 149 1.18 4.50 -9.74
C PHE D 149 0.24 5.71 -9.76
N SER D 150 -0.27 6.11 -10.90
CA SER D 150 -1.09 7.32 -10.92
C SER D 150 -1.74 7.44 -12.29
N ASP D 151 -2.59 8.44 -12.42
CA ASP D 151 -3.29 8.74 -13.67
C ASP D 151 -2.59 9.89 -14.38
N SER D 152 -2.54 9.82 -15.71
CA SER D 152 -1.88 10.84 -16.51
C SER D 152 -2.57 10.86 -17.87
N ALA D 153 -1.94 11.50 -18.84
CA ALA D 153 -2.47 11.56 -20.18
C ALA D 153 -1.36 11.32 -21.18
N LEU D 154 -1.74 10.85 -22.35
CA LEU D 154 -0.82 10.66 -23.46
C LEU D 154 -1.27 11.63 -24.54
N CYS D 155 -0.37 12.50 -25.00
CA CYS D 155 -0.76 13.53 -25.96
C CYS D 155 -0.12 13.26 -27.32
N PHE D 156 -0.76 13.81 -28.35
CA PHE D 156 -0.36 13.55 -29.72
C PHE D 156 -0.18 14.86 -30.47
N GLY D 157 0.79 14.86 -31.37
CA GLY D 157 0.99 16.00 -32.27
C GLY D 157 1.34 17.29 -31.55
N CYS D 158 2.13 17.19 -30.50
CA CYS D 158 2.56 18.34 -29.74
C CYS D 158 3.94 18.78 -30.22
N LYS D 159 4.12 20.09 -30.34
CA LYS D 159 5.39 20.70 -30.67
C LYS D 159 5.98 21.23 -29.37
N PHE D 160 7.22 20.85 -29.08
CA PHE D 160 7.87 21.25 -27.84
C PHE D 160 8.78 22.45 -28.11
N GLN D 161 8.74 23.43 -27.21
CA GLN D 161 9.70 24.52 -27.17
C GLN D 161 10.34 24.52 -25.79
N PHE D 162 11.55 25.07 -25.71
CA PHE D 162 12.39 24.93 -24.53
C PHE D 162 12.90 26.28 -24.07
N LYS D 163 13.53 26.29 -22.90
CA LYS D 163 14.07 27.48 -22.26
C LYS D 163 13.04 28.60 -22.07
N PRO D 164 11.95 28.34 -21.31
CA PRO D 164 11.51 27.12 -20.63
C PRO D 164 10.68 26.21 -21.49
N ILE D 165 10.40 25.00 -21.02
CA ILE D 165 9.63 24.05 -21.80
C ILE D 165 8.21 24.56 -21.98
N ARG D 166 7.75 24.61 -23.24
CA ARG D 166 6.38 24.91 -23.60
C ARG D 166 5.90 23.82 -24.58
N VAL D 167 4.67 23.34 -24.39
CA VAL D 167 4.13 22.28 -25.25
C VAL D 167 2.88 22.82 -25.95
N SER D 168 2.83 22.70 -27.27
CA SER D 168 1.67 23.16 -28.01
C SER D 168 0.43 22.33 -27.67
N GLU D 169 -0.74 22.87 -28.01
CA GLU D 169 -2.00 22.22 -27.71
C GLU D 169 -2.08 20.89 -28.46
N PRO D 170 -2.35 19.78 -27.77
CA PRO D 170 -2.33 18.48 -28.44
C PRO D 170 -3.41 18.34 -29.50
N VAL D 171 -3.07 17.59 -30.55
CA VAL D 171 -4.08 17.09 -31.47
C VAL D 171 -5.07 16.20 -30.74
N LEU D 172 -4.56 15.39 -29.82
CA LEU D 172 -5.42 14.55 -29.01
C LEU D 172 -4.78 14.34 -27.65
N SER D 173 -5.59 14.44 -26.60
CA SER D 173 -5.17 14.13 -25.24
C SER D 173 -5.90 12.86 -24.82
N LEU D 174 -5.13 11.83 -24.49
CA LEU D 174 -5.70 10.54 -24.11
C LEU D 174 -5.40 10.26 -22.64
N PRO D 175 -6.40 10.30 -21.75
CA PRO D 175 -6.13 9.94 -20.34
C PRO D 175 -5.71 8.48 -20.24
N VAL D 176 -4.59 8.25 -19.59
CA VAL D 176 -4.10 6.90 -19.33
C VAL D 176 -4.15 6.67 -17.83
N ARG D 177 -5.06 5.80 -17.41
CA ARG D 177 -5.29 5.60 -16.00
C ARG D 177 -4.51 4.40 -15.49
N ARG D 178 -4.21 4.42 -14.20
CA ARG D 178 -3.50 3.31 -13.59
C ARG D 178 -4.29 2.02 -13.79
N GLY D 179 -3.60 0.98 -14.24
CA GLY D 179 -4.22 -0.30 -14.51
C GLY D 179 -4.80 -0.46 -15.89
N SER D 180 -4.80 0.59 -16.70
CA SER D 180 -5.31 0.54 -18.07
C SER D 180 -4.19 0.24 -19.05
N VAL D 181 -4.56 -0.42 -20.14
CA VAL D 181 -3.65 -0.82 -21.22
C VAL D 181 -3.95 0.02 -22.44
N THR D 182 -2.93 0.68 -22.97
CA THR D 182 -3.06 1.51 -24.16
C THR D 182 -2.28 0.85 -25.29
N VAL D 183 -2.93 0.71 -26.44
CA VAL D 183 -2.35 0.04 -27.61
C VAL D 183 -2.35 1.03 -28.78
N LEU D 184 -1.20 1.21 -29.42
CA LEU D 184 -1.09 2.13 -30.55
C LEU D 184 -0.76 1.37 -31.83
N SER D 185 -1.46 1.74 -32.91
CA SER D 185 -1.23 1.14 -34.21
C SER D 185 -1.62 2.15 -35.27
N GLY D 186 -1.21 1.85 -36.50
CA GLY D 186 -1.60 2.65 -37.65
C GLY D 186 -1.19 4.10 -37.53
N TYR D 187 -2.15 4.99 -37.78
CA TYR D 187 -1.86 6.42 -37.80
C TYR D 187 -1.38 6.90 -36.44
N ALA D 188 -2.03 6.44 -35.36
CA ALA D 188 -1.64 6.88 -34.02
C ALA D 188 -0.24 6.43 -33.64
N ALA D 189 0.26 5.35 -34.26
CA ALA D 189 1.59 4.82 -34.02
C ALA D 189 2.62 5.23 -35.06
N ASP D 190 2.20 5.56 -36.28
CA ASP D 190 3.12 5.76 -37.39
C ASP D 190 3.22 7.19 -37.87
N GLU D 191 2.10 7.90 -37.96
CA GLU D 191 2.05 9.14 -38.72
CA GLU D 191 2.03 9.15 -38.71
C GLU D 191 1.92 10.38 -37.83
N ILE D 192 2.14 10.24 -36.52
CA ILE D 192 2.06 11.36 -35.58
C ILE D 192 2.86 11.01 -34.34
N THR D 193 3.49 12.02 -33.78
CA THR D 193 4.25 11.84 -32.56
C THR D 193 3.30 11.68 -31.37
N HIS D 194 3.83 11.12 -30.29
CA HIS D 194 3.17 11.14 -29.00
C HIS D 194 4.17 11.66 -27.99
N CYS D 195 3.66 12.16 -26.87
CA CYS D 195 4.52 12.80 -25.87
C CYS D 195 3.82 12.80 -24.53
N ILE D 196 4.57 13.17 -23.50
CA ILE D 196 4.02 13.44 -22.18
C ILE D 196 4.40 14.85 -21.79
N ARG D 197 3.39 15.62 -21.35
CA ARG D 197 3.59 16.99 -20.94
C ARG D 197 3.86 17.03 -19.44
N PRO D 198 4.73 17.96 -19.01
CA PRO D 198 5.03 18.06 -17.57
C PRO D 198 3.80 18.32 -16.72
N GLN D 199 2.84 19.10 -17.22
CA GLN D 199 1.65 19.41 -16.43
C GLN D 199 0.78 18.19 -16.21
N ASP D 200 0.88 17.18 -17.07
CA ASP D 200 0.12 15.96 -16.93
C ASP D 200 0.72 14.97 -15.94
N ILE D 201 1.95 15.19 -15.47
CA ILE D 201 2.58 14.33 -14.47
C ILE D 201 2.48 15.10 -13.15
N LYS D 202 1.42 14.83 -12.40
CA LYS D 202 1.19 15.50 -11.13
C LYS D 202 1.70 14.69 -9.95
N GLU D 203 1.85 13.38 -10.13
CA GLU D 203 2.48 12.48 -9.17
C GLU D 203 3.31 11.48 -9.96
N ARG D 204 4.10 10.68 -9.25
CA ARG D 204 4.92 9.68 -9.91
C ARG D 204 4.05 8.72 -10.72
N ARG D 205 4.42 8.54 -11.97
CA ARG D 205 3.76 7.62 -12.83
C ARG D 205 4.77 6.80 -13.57
N ALA D 206 4.52 5.51 -13.67
CA ALA D 206 5.34 4.58 -14.41
C ALA D 206 4.51 3.80 -15.43
N VAL D 207 5.11 3.53 -16.57
CA VAL D 207 4.50 2.81 -17.65
C VAL D 207 5.39 1.72 -18.18
N ILE D 208 4.85 0.52 -18.28
CA ILE D 208 5.60 -0.61 -18.85
C ILE D 208 5.17 -0.74 -20.30
N ILE D 209 6.11 -0.53 -21.21
CA ILE D 209 5.85 -0.53 -22.65
C ILE D 209 6.39 -1.82 -23.23
N LEU D 210 5.51 -2.62 -23.81
CA LEU D 210 5.84 -3.93 -24.35
C LEU D 210 5.83 -3.78 -25.86
N ARG D 211 6.95 -4.15 -26.51
CA ARG D 211 7.08 -3.92 -27.94
C ARG D 211 7.77 -5.10 -28.60
N LYS D 212 7.64 -5.16 -29.92
CA LYS D 212 8.34 -6.15 -30.75
C LYS D 212 9.29 -5.42 -31.69
N THR D 213 10.58 -5.75 -31.60
CA THR D 213 11.56 -5.21 -32.50
C THR D 213 11.54 -5.98 -33.82
N ARG D 214 11.73 -5.24 -34.91
CA ARG D 214 11.77 -5.80 -36.25
C ARG D 214 12.95 -6.74 -36.44
N LEU D 215 12.79 -7.66 -37.39
CA LEU D 215 13.87 -8.55 -37.79
C LEU D 215 15.04 -7.81 -38.42
N ASP D 216 14.81 -6.62 -38.99
CA ASP D 216 15.83 -5.79 -39.62
C ASP D 216 16.23 -4.59 -38.77
N ALA D 217 15.96 -4.62 -37.47
CA ALA D 217 16.28 -3.50 -36.61
C ALA D 217 17.79 -3.40 -36.42
N PRO D 218 18.42 -2.29 -36.75
CA PRO D 218 19.89 -2.20 -36.64
C PRO D 218 20.34 -2.10 -35.21
N ARG D 219 21.53 -2.65 -34.95
CA ARG D 219 22.10 -2.68 -33.63
C ARG D 219 23.36 -1.83 -33.61
N LEU D 220 23.75 -1.40 -32.41
CA LEU D 220 25.03 -0.73 -32.23
C LEU D 220 26.14 -1.73 -32.50
N GLU E 7 16.68 -18.08 35.98
CA GLU E 7 17.88 -18.16 36.81
C GLU E 7 18.91 -19.11 36.21
N GLU E 8 19.08 -20.29 36.84
CA GLU E 8 19.93 -21.32 36.24
C GLU E 8 19.33 -21.83 34.93
N GLU E 9 18.01 -22.06 34.91
CA GLU E 9 17.36 -22.52 33.69
C GLU E 9 17.55 -21.51 32.56
N ALA E 10 17.50 -20.22 32.89
CA ALA E 10 17.68 -19.17 31.89
C ALA E 10 19.06 -19.25 31.25
N ARG E 11 20.11 -19.49 32.04
CA ARG E 11 21.48 -19.61 31.49
C ARG E 11 21.59 -20.80 30.55
N LYS E 12 20.99 -21.94 30.89
CA LYS E 12 21.00 -23.07 29.95
C LYS E 12 20.31 -22.70 28.65
N VAL E 13 19.19 -21.96 28.75
CA VAL E 13 18.51 -21.50 27.55
C VAL E 13 19.41 -20.58 26.75
N LYS E 14 20.16 -19.70 27.42
CA LYS E 14 21.01 -18.75 26.71
C LYS E 14 22.04 -19.44 25.85
N SER E 15 22.61 -20.54 26.34
CA SER E 15 23.65 -21.26 25.60
C SER E 15 23.14 -21.85 24.29
N GLY E 16 21.83 -21.94 24.11
CA GLY E 16 21.21 -22.48 22.91
C GLY E 16 20.62 -21.45 21.99
N ILE E 17 20.94 -20.17 22.17
CA ILE E 17 20.39 -19.08 21.37
C ILE E 17 21.53 -18.40 20.64
N ARG E 18 21.43 -18.30 19.32
CA ARG E 18 22.31 -17.47 18.51
C ARG E 18 21.43 -16.45 17.81
N GLN E 19 21.78 -15.19 17.92
CA GLN E 19 20.95 -14.14 17.35
C GLN E 19 21.86 -13.09 16.74
N MET E 20 21.55 -12.68 15.50
CA MET E 20 22.34 -11.69 14.79
C MET E 20 21.46 -10.88 13.84
N ARG E 21 21.92 -9.71 13.56
CA ARG E 21 21.34 -8.87 12.57
C ARG E 21 21.79 -9.47 11.24
N LEU E 22 20.94 -9.45 10.24
CA LEU E 22 21.32 -10.05 8.98
C LEU E 22 20.69 -9.41 7.76
N PHE E 23 19.46 -8.96 7.89
CA PHE E 23 18.75 -8.38 6.74
C PHE E 23 18.57 -6.88 6.91
N SER E 24 18.81 -6.15 5.83
CA SER E 24 18.70 -4.70 5.86
C SER E 24 17.24 -4.26 5.75
N GLN E 25 17.00 -2.95 5.82
CA GLN E 25 15.65 -2.43 5.70
C GLN E 25 15.10 -2.65 4.28
N ASP E 26 15.93 -2.43 3.27
CA ASP E 26 15.49 -2.68 1.89
C ASP E 26 15.22 -4.16 1.68
N GLU E 27 16.07 -5.03 2.24
CA GLU E 27 15.86 -6.47 2.11
C GLU E 27 14.60 -6.91 2.86
N CYS E 28 14.34 -6.29 4.01
CA CYS E 28 13.10 -6.58 4.73
C CYS E 28 11.88 -6.08 3.97
N ALA E 29 11.97 -4.90 3.37
CA ALA E 29 10.83 -4.37 2.64
C ALA E 29 10.48 -5.26 1.45
N LYS E 30 11.50 -5.83 0.80
CA LYS E 30 11.25 -6.73 -0.33
C LYS E 30 10.60 -8.03 0.12
N ILE E 31 11.11 -8.64 1.20
CA ILE E 31 10.53 -9.87 1.71
C ILE E 31 9.14 -9.61 2.30
N GLU E 32 8.98 -8.50 3.02
CA GLU E 32 7.67 -8.16 3.57
C GLU E 32 6.63 -7.98 2.47
N ALA E 33 7.05 -7.49 1.29
CA ALA E 33 6.16 -7.45 0.13
C ALA E 33 5.82 -8.86 -0.36
N ARG E 34 6.80 -9.77 -0.36
CA ARG E 34 6.52 -11.15 -0.74
C ARG E 34 5.56 -11.80 0.22
N ILE E 35 5.71 -11.54 1.52
CA ILE E 35 4.79 -12.06 2.51
C ILE E 35 3.38 -11.52 2.26
N ASP E 36 3.26 -10.23 1.98
CA ASP E 36 1.96 -9.65 1.70
C ASP E 36 1.31 -10.27 0.47
N GLU E 37 2.11 -10.69 -0.51
CA GLU E 37 1.59 -11.38 -1.68
C GLU E 37 1.22 -12.82 -1.36
N VAL E 38 1.90 -13.44 -0.41
CA VAL E 38 1.50 -14.76 0.05
C VAL E 38 0.14 -14.69 0.71
N VAL E 39 -0.11 -13.62 1.48
CA VAL E 39 -1.39 -13.47 2.16
C VAL E 39 -2.52 -13.37 1.13
N SER E 40 -2.32 -12.60 0.06
CA SER E 40 -3.35 -12.45 -0.95
C SER E 40 -3.63 -13.76 -1.70
N ARG E 41 -2.59 -14.50 -2.06
CA ARG E 41 -2.81 -15.77 -2.74
C ARG E 41 -3.59 -16.74 -1.86
N ALA E 42 -3.29 -16.73 -0.55
CA ALA E 42 -4.05 -17.53 0.40
C ALA E 42 -5.50 -17.05 0.47
N GLU E 43 -5.72 -15.74 0.47
CA GLU E 43 -7.06 -15.17 0.45
C GLU E 43 -7.75 -15.39 -0.89
N LYS E 44 -6.98 -15.58 -1.96
CA LYS E 44 -7.54 -15.82 -3.29
C LYS E 44 -7.72 -17.29 -3.60
N GLY E 45 -7.41 -18.18 -2.65
CA GLY E 45 -7.59 -19.60 -2.87
C GLY E 45 -6.64 -20.21 -3.86
N LEU E 46 -5.48 -19.60 -4.09
CA LEU E 46 -4.51 -20.09 -5.04
C LEU E 46 -3.47 -21.01 -4.41
N TYR E 47 -3.59 -21.29 -3.12
CA TYR E 47 -2.70 -22.23 -2.44
C TYR E 47 -3.47 -23.51 -2.17
N ASN E 48 -2.72 -24.60 -1.99
CA ASN E 48 -3.33 -25.86 -1.61
C ASN E 48 -3.98 -25.70 -0.25
N GLU E 49 -4.89 -26.62 0.06
CA GLU E 49 -5.69 -26.50 1.27
C GLU E 49 -4.80 -26.47 2.52
N HIS E 50 -3.84 -27.38 2.60
CA HIS E 50 -3.06 -27.50 3.81
C HIS E 50 -1.88 -26.55 3.87
N THR E 51 -1.65 -25.78 2.82
CA THR E 51 -0.64 -24.73 2.90
C THR E 51 -1.02 -23.65 3.89
N VAL E 52 -2.31 -23.33 4.00
CA VAL E 52 -2.76 -22.17 4.79
C VAL E 52 -3.46 -22.68 6.05
N ASP E 53 -2.98 -22.23 7.20
CA ASP E 53 -3.61 -22.51 8.48
C ASP E 53 -4.06 -21.20 9.11
N ARG E 54 -5.36 -21.06 9.34
CA ARG E 54 -5.95 -19.83 9.83
C ARG E 54 -6.43 -19.98 11.26
N ALA E 55 -6.09 -19.02 12.09
CA ALA E 55 -6.54 -18.85 13.48
C ALA E 55 -6.92 -17.40 13.68
N PRO E 56 -7.70 -17.10 14.74
CA PRO E 56 -8.27 -15.73 14.87
C PRO E 56 -7.29 -14.58 14.66
N LEU E 57 -6.13 -14.63 15.29
CA LEU E 57 -5.16 -13.54 15.15
C LEU E 57 -3.81 -14.03 14.66
N ARG E 58 -3.70 -15.27 14.16
CA ARG E 58 -2.45 -15.81 13.64
C ARG E 58 -2.72 -16.73 12.46
N ASN E 59 -1.97 -16.57 11.37
CA ASN E 59 -2.01 -17.46 10.22
C ASN E 59 -0.66 -18.12 10.03
N LYS E 60 -0.68 -19.42 9.78
CA LYS E 60 0.52 -20.18 9.45
C LYS E 60 0.42 -20.61 8.00
N TYR E 61 1.50 -20.40 7.25
CA TYR E 61 1.60 -20.80 5.86
C TYR E 61 2.73 -21.82 5.75
N PHE E 62 2.39 -23.07 5.44
CA PHE E 62 3.37 -24.16 5.39
C PHE E 62 3.88 -24.33 3.97
N PHE E 63 5.20 -24.22 3.79
CA PHE E 63 5.84 -24.45 2.50
C PHE E 63 6.92 -25.51 2.65
N GLY E 64 7.00 -26.40 1.68
CA GLY E 64 7.95 -27.49 1.72
C GLY E 64 7.42 -28.64 2.54
N GLU E 65 7.21 -28.39 3.83
CA GLU E 65 6.63 -29.35 4.76
C GLU E 65 5.79 -28.60 5.78
N GLY E 66 4.56 -29.08 5.98
CA GLY E 66 3.69 -28.59 7.04
C GLY E 66 3.52 -29.65 8.10
N TYR E 67 2.84 -29.26 9.18
CA TYR E 67 2.65 -30.18 10.29
C TYR E 67 1.32 -29.86 10.97
N THR E 68 0.74 -30.89 11.57
CA THR E 68 -0.43 -30.70 12.41
C THR E 68 -0.02 -30.38 13.82
N TYR E 69 -0.89 -29.69 14.54
CA TYR E 69 -0.62 -29.21 15.88
C TYR E 69 -1.93 -28.90 16.58
N GLY E 70 -1.88 -28.93 17.92
CA GLY E 70 -2.99 -28.42 18.72
C GLY E 70 -4.30 -29.15 18.49
N ALA E 71 -5.35 -28.38 18.20
CA ALA E 71 -6.69 -28.95 18.05
C ALA E 71 -6.82 -29.86 16.82
N GLN E 72 -5.89 -29.78 15.87
CA GLN E 72 -5.90 -30.72 14.75
C GLN E 72 -5.42 -32.10 15.15
N LEU E 73 -4.99 -32.28 16.39
CA LEU E 73 -4.54 -33.57 16.88
C LEU E 73 -5.73 -34.34 17.43
N GLN E 74 -5.98 -35.51 16.85
CA GLN E 74 -7.09 -36.33 17.28
C GLN E 74 -6.98 -36.64 18.76
N LYS E 75 -5.84 -37.17 19.17
CA LYS E 75 -5.53 -37.45 20.56
C LYS E 75 -4.40 -36.53 20.96
N ARG E 76 -4.70 -35.57 21.84
CA ARG E 76 -3.64 -34.69 22.34
C ARG E 76 -2.59 -35.52 23.05
N GLY E 77 -1.33 -35.20 22.83
CA GLY E 77 -0.29 -35.92 23.51
C GLY E 77 1.05 -35.73 22.86
N PRO E 78 2.11 -35.97 23.62
CA PRO E 78 3.46 -35.86 23.08
C PRO E 78 3.68 -36.80 21.91
N GLY E 79 4.27 -36.28 20.83
CA GLY E 79 4.57 -37.09 19.68
C GLY E 79 3.43 -37.36 18.73
N GLN E 80 2.30 -36.69 18.89
CA GLN E 80 1.14 -36.94 18.03
C GLN E 80 1.12 -36.05 16.79
N GLU E 81 1.93 -34.99 16.75
CA GLU E 81 1.98 -34.16 15.56
C GLU E 81 2.48 -34.95 14.36
N ARG E 82 1.96 -34.64 13.20
CA ARG E 82 2.28 -35.34 11.97
C ARG E 82 2.60 -34.35 10.87
N LEU E 83 3.49 -34.74 9.98
CA LEU E 83 3.64 -34.06 8.72
C LEU E 83 2.44 -34.37 7.83
N TYR E 84 2.19 -33.47 6.88
CA TYR E 84 1.16 -33.71 5.88
C TYR E 84 1.66 -34.74 4.86
N PRO E 85 0.76 -35.33 4.10
CA PRO E 85 1.15 -36.33 3.10
C PRO E 85 2.15 -35.75 2.10
N PRO E 86 2.98 -36.59 1.49
CA PRO E 86 4.01 -36.08 0.57
C PRO E 86 3.39 -35.32 -0.60
N GLY E 87 4.00 -34.18 -0.93
CA GLY E 87 3.47 -33.39 -2.04
C GLY E 87 2.16 -32.69 -1.76
N ASP E 88 1.74 -32.58 -0.50
CA ASP E 88 0.49 -31.92 -0.19
C ASP E 88 0.67 -30.41 -0.11
N VAL E 89 1.47 -29.94 0.85
CA VAL E 89 1.68 -28.51 0.98
C VAL E 89 2.44 -28.00 -0.23
N ASP E 90 2.28 -26.71 -0.50
CA ASP E 90 2.91 -26.07 -1.65
C ASP E 90 4.43 -26.09 -1.51
N GLU E 91 5.11 -25.97 -2.65
CA GLU E 91 6.55 -25.89 -2.62
C GLU E 91 7.00 -24.60 -1.96
N ILE E 92 8.24 -24.62 -1.45
CA ILE E 92 8.84 -23.39 -0.92
C ILE E 92 8.93 -22.38 -2.06
N PRO E 93 8.45 -21.15 -1.88
CA PRO E 93 8.53 -20.17 -2.97
C PRO E 93 9.97 -19.87 -3.36
N GLU E 94 10.15 -19.50 -4.63
CA GLU E 94 11.49 -19.21 -5.13
C GLU E 94 12.12 -18.04 -4.37
N TRP E 95 11.32 -17.04 -3.99
CA TRP E 95 11.87 -15.91 -3.27
C TRP E 95 12.38 -16.31 -1.88
N VAL E 96 11.82 -17.36 -1.29
CA VAL E 96 12.33 -17.83 0.00
C VAL E 96 13.72 -18.41 -0.15
N HIS E 97 13.97 -19.15 -1.24
CA HIS E 97 15.31 -19.65 -1.55
C HIS E 97 16.29 -18.52 -1.81
N GLN E 98 16.01 -17.67 -2.79
CA GLN E 98 16.95 -16.63 -3.17
C GLN E 98 17.15 -15.62 -2.05
N LEU E 99 16.06 -14.99 -1.59
CA LEU E 99 16.18 -13.89 -0.64
C LEU E 99 16.48 -14.35 0.79
N VAL E 100 15.85 -15.43 1.25
CA VAL E 100 15.97 -15.85 2.64
C VAL E 100 16.98 -16.98 2.81
N ILE E 101 16.94 -18.00 1.97
CA ILE E 101 17.70 -19.18 2.33
C ILE E 101 19.14 -19.08 1.82
N GLN E 102 19.35 -18.41 0.68
CA GLN E 102 20.69 -18.22 0.15
C GLN E 102 21.50 -17.29 1.03
N LYS E 103 20.85 -16.30 1.65
CA LYS E 103 21.52 -15.44 2.59
C LYS E 103 21.92 -16.18 3.85
N LEU E 104 21.11 -17.16 4.28
CA LEU E 104 21.44 -17.89 5.49
C LEU E 104 22.59 -18.85 5.24
N VAL E 105 22.61 -19.48 4.06
CA VAL E 105 23.69 -20.40 3.72
C VAL E 105 24.98 -19.64 3.46
N GLU E 106 24.90 -18.49 2.79
CA GLU E 106 26.10 -17.73 2.47
C GLU E 106 26.77 -17.16 3.73
N HIS E 107 26.00 -16.97 4.80
CA HIS E 107 26.51 -16.51 6.09
C HIS E 107 26.70 -17.65 7.08
N ARG E 108 26.68 -18.89 6.60
CA ARG E 108 27.05 -20.07 7.38
C ARG E 108 26.09 -20.35 8.53
N VAL E 109 24.88 -19.80 8.50
CA VAL E 109 23.95 -20.05 9.60
C VAL E 109 23.54 -21.52 9.62
N ILE E 110 23.27 -22.10 8.45
CA ILE E 110 22.90 -23.51 8.34
C ILE E 110 23.55 -24.10 7.10
N PRO E 111 23.72 -25.42 7.05
CA PRO E 111 24.33 -26.03 5.86
C PRO E 111 23.43 -25.92 4.65
N GLU E 112 24.04 -25.96 3.46
CA GLU E 112 23.24 -25.95 2.26
C GLU E 112 22.45 -27.25 2.16
N GLY E 113 21.20 -27.16 1.73
CA GLY E 113 20.37 -28.34 1.65
C GLY E 113 19.84 -28.80 2.99
N PHE E 114 20.01 -28.01 4.05
CA PHE E 114 19.47 -28.37 5.34
C PHE E 114 17.96 -28.09 5.39
N VAL E 115 17.56 -26.91 4.96
CA VAL E 115 16.17 -26.46 5.12
C VAL E 115 15.31 -27.08 4.04
N ASN E 116 14.34 -27.88 4.44
CA ASN E 116 13.30 -28.38 3.55
C ASN E 116 11.90 -27.96 3.97
N SER E 117 11.78 -27.14 5.01
CA SER E 117 10.52 -26.66 5.53
C SER E 117 10.61 -25.15 5.73
N ALA E 118 9.70 -24.40 5.11
CA ALA E 118 9.61 -22.96 5.29
C ALA E 118 8.18 -22.62 5.69
N VAL E 119 7.99 -22.13 6.91
CA VAL E 119 6.67 -21.79 7.44
C VAL E 119 6.66 -20.30 7.76
N ILE E 120 5.65 -19.59 7.27
CA ILE E 120 5.48 -18.17 7.56
C ILE E 120 4.36 -18.02 8.59
N ASN E 121 4.70 -17.53 9.78
CA ASN E 121 3.73 -17.23 10.83
C ASN E 121 3.45 -15.74 10.82
N ASP E 122 2.21 -15.36 10.53
CA ASP E 122 1.81 -13.95 10.41
C ASP E 122 0.87 -13.58 11.55
N TYR E 123 1.30 -12.66 12.40
CA TYR E 123 0.58 -12.34 13.62
C TYR E 123 -0.12 -10.98 13.53
N GLN E 124 -1.40 -10.95 13.88
CA GLN E 124 -2.06 -9.66 14.02
C GLN E 124 -1.80 -9.08 15.40
N PRO E 125 -1.98 -7.76 15.58
CA PRO E 125 -1.74 -7.18 16.91
C PRO E 125 -2.52 -7.93 17.97
N GLY E 126 -1.85 -8.24 19.07
CA GLY E 126 -2.45 -9.05 20.10
C GLY E 126 -2.39 -10.55 19.88
N GLY E 127 -1.81 -11.00 18.77
CA GLY E 127 -1.71 -12.44 18.54
C GLY E 127 -0.70 -13.10 19.45
N CYS E 128 -0.69 -14.42 19.43
CA CYS E 128 0.17 -15.20 20.30
C CYS E 128 0.31 -16.62 19.76
N ILE E 129 1.19 -17.40 20.38
CA ILE E 129 1.27 -18.83 20.12
C ILE E 129 1.57 -19.53 21.44
N VAL E 130 0.74 -20.52 21.79
CA VAL E 130 0.83 -21.11 23.11
C VAL E 130 2.13 -21.90 23.21
N SER E 131 2.68 -21.97 24.42
CA SER E 131 3.98 -22.57 24.66
C SER E 131 4.04 -23.97 24.07
N HIS E 132 5.17 -24.28 23.44
CA HIS E 132 5.39 -25.57 22.81
C HIS E 132 6.89 -25.75 22.55
N VAL E 133 7.27 -27.01 22.41
CA VAL E 133 8.57 -27.41 21.89
C VAL E 133 8.35 -27.81 20.43
N ASP E 134 9.20 -27.33 19.54
CA ASP E 134 9.08 -27.78 18.17
C ASP E 134 9.23 -29.30 18.14
N PRO E 135 8.27 -30.03 17.60
CA PRO E 135 8.22 -31.48 17.82
C PRO E 135 9.53 -32.21 17.58
N ILE E 136 10.07 -32.77 18.65
CA ILE E 136 11.35 -33.47 18.59
C ILE E 136 11.26 -34.65 17.63
N HIS E 137 10.09 -35.29 17.53
CA HIS E 137 9.91 -36.42 16.63
C HIS E 137 9.73 -35.99 15.17
N ILE E 138 9.56 -34.69 14.89
CA ILE E 138 9.34 -34.19 13.55
C ILE E 138 10.57 -33.47 13.00
N PHE E 139 11.16 -32.58 13.79
CA PHE E 139 12.15 -31.64 13.26
C PHE E 139 13.56 -31.90 13.75
N GLU E 140 14.52 -31.77 12.86
CA GLU E 140 15.91 -31.70 13.27
C GLU E 140 16.20 -30.31 13.84
N ARG E 141 17.32 -30.21 14.54
CA ARG E 141 17.83 -28.94 15.05
C ARG E 141 19.04 -28.51 14.21
N PRO E 142 19.35 -27.21 14.16
CA PRO E 142 18.69 -26.09 14.84
C PRO E 142 17.43 -25.58 14.14
N ILE E 143 16.77 -24.66 14.82
CA ILE E 143 15.57 -24.02 14.33
C ILE E 143 15.91 -22.55 14.07
N VAL E 144 15.74 -22.12 12.82
CA VAL E 144 16.15 -20.80 12.36
C VAL E 144 14.93 -19.95 12.06
N SER E 145 14.91 -18.73 12.61
CA SER E 145 13.81 -17.78 12.51
C SER E 145 14.30 -16.44 12.00
N VAL E 146 13.52 -15.80 11.15
CA VAL E 146 13.79 -14.45 10.65
C VAL E 146 12.54 -13.62 10.88
N SER E 147 12.69 -12.50 11.58
CA SER E 147 11.57 -11.65 11.94
C SER E 147 11.37 -10.53 10.93
N PHE E 148 10.10 -10.19 10.70
CA PHE E 148 9.72 -9.17 9.73
C PHE E 148 8.56 -8.35 10.26
N PHE E 149 8.42 -7.16 9.66
CA PHE E 149 7.38 -6.14 9.81
C PHE E 149 7.46 -5.33 11.10
N SER E 150 8.05 -5.87 12.15
CA SER E 150 8.06 -5.16 13.43
C SER E 150 8.98 -5.91 14.39
N ASP E 151 9.17 -5.32 15.57
CA ASP E 151 9.96 -5.88 16.67
C ASP E 151 9.05 -6.51 17.72
N SER E 152 9.53 -7.60 18.32
CA SER E 152 8.74 -8.34 19.28
C SER E 152 9.67 -9.06 20.24
N ALA E 153 9.13 -10.01 20.99
CA ALA E 153 9.92 -10.85 21.88
C ALA E 153 9.46 -12.28 21.77
N LEU E 154 10.37 -13.19 22.07
CA LEU E 154 10.15 -14.63 22.16
C LEU E 154 10.42 -15.05 23.59
N CYS E 155 9.47 -15.73 24.22
CA CYS E 155 9.63 -16.09 25.61
C CYS E 155 9.78 -17.59 25.77
N PHE E 156 10.38 -18.00 26.90
CA PHE E 156 10.71 -19.40 27.17
C PHE E 156 10.16 -19.82 28.53
N GLY E 157 9.70 -21.06 28.63
CA GLY E 157 9.23 -21.57 29.90
C GLY E 157 8.03 -20.83 30.46
N CYS E 158 7.11 -20.44 29.59
CA CYS E 158 5.92 -19.71 29.98
C CYS E 158 4.75 -20.68 30.14
N LYS E 159 3.97 -20.47 31.18
CA LYS E 159 2.77 -21.25 31.46
C LYS E 159 1.57 -20.45 30.98
N PHE E 160 0.75 -21.04 30.12
CA PHE E 160 -0.44 -20.37 29.59
C PHE E 160 -1.66 -20.85 30.35
N GLN E 161 -2.51 -19.92 30.77
CA GLN E 161 -3.83 -20.21 31.29
C GLN E 161 -4.83 -19.40 30.49
N PHE E 162 -6.07 -19.87 30.44
CA PHE E 162 -7.04 -19.31 29.51
C PHE E 162 -8.33 -18.93 30.23
N LYS E 163 -9.18 -18.21 29.49
CA LYS E 163 -10.46 -17.63 29.89
C LYS E 163 -10.32 -16.73 31.13
N PRO E 164 -9.62 -15.59 31.04
CA PRO E 164 -8.89 -15.03 29.90
C PRO E 164 -7.44 -15.49 29.82
N ILE E 165 -6.76 -15.22 28.71
CA ILE E 165 -5.38 -15.69 28.56
C ILE E 165 -4.49 -14.94 29.52
N ARG E 166 -3.76 -15.69 30.33
CA ARG E 166 -2.75 -15.19 31.26
C ARG E 166 -1.47 -15.98 31.01
N VAL E 167 -0.33 -15.30 30.97
CA VAL E 167 0.96 -15.93 30.70
C VAL E 167 1.87 -15.72 31.90
N SER E 168 2.44 -16.80 32.43
CA SER E 168 3.35 -16.69 33.55
C SER E 168 4.64 -15.99 33.12
N GLU E 169 5.41 -15.55 34.10
CA GLU E 169 6.64 -14.81 33.81
C GLU E 169 7.61 -15.70 33.04
N PRO E 170 8.11 -15.26 31.90
CA PRO E 170 9.01 -16.12 31.12
C PRO E 170 10.28 -16.44 31.90
N VAL E 171 10.77 -17.65 31.70
CA VAL E 171 12.12 -17.98 32.18
C VAL E 171 13.13 -17.06 31.51
N LEU E 172 12.95 -16.81 30.22
CA LEU E 172 13.79 -15.93 29.43
C LEU E 172 12.94 -15.26 28.37
N SER E 173 13.09 -13.96 28.22
CA SER E 173 12.41 -13.20 27.18
C SER E 173 13.50 -12.70 26.21
N LEU E 174 13.38 -13.09 24.95
CA LEU E 174 14.39 -12.78 23.93
C LEU E 174 13.81 -11.79 22.92
N PRO E 175 14.28 -10.55 22.88
CA PRO E 175 13.82 -9.61 21.85
C PRO E 175 14.22 -10.09 20.45
N VAL E 176 13.22 -10.20 19.58
CA VAL E 176 13.45 -10.56 18.18
C VAL E 176 13.08 -9.33 17.35
N ARG E 177 14.08 -8.71 16.75
CA ARG E 177 13.89 -7.47 16.02
C ARG E 177 13.81 -7.75 14.53
N ARG E 178 13.10 -6.86 13.84
CA ARG E 178 12.96 -6.97 12.40
C ARG E 178 14.33 -7.00 11.75
N GLY E 179 14.53 -7.96 10.87
CA GLY E 179 15.80 -8.18 10.23
C GLY E 179 16.75 -9.11 10.98
N SER E 180 16.39 -9.59 12.16
CA SER E 180 17.26 -10.47 12.91
C SER E 180 16.96 -11.94 12.64
N VAL E 181 18.01 -12.77 12.76
CA VAL E 181 17.95 -14.21 12.60
C VAL E 181 18.12 -14.83 13.97
N THR E 182 17.19 -15.70 14.37
CA THR E 182 17.23 -16.38 15.66
C THR E 182 17.42 -17.88 15.44
N VAL E 183 18.41 -18.47 16.09
CA VAL E 183 18.73 -19.89 15.94
C VAL E 183 18.63 -20.56 17.31
N LEU E 184 17.83 -21.62 17.41
CA LEU E 184 17.61 -22.36 18.64
C LEU E 184 18.21 -23.75 18.52
N SER E 185 18.89 -24.19 19.56
CA SER E 185 19.49 -25.52 19.54
C SER E 185 19.64 -25.99 20.98
N GLY E 186 19.90 -27.27 21.13
CA GLY E 186 20.19 -27.82 22.44
C GLY E 186 19.09 -27.54 23.44
N TYR E 187 19.48 -27.04 24.61
CA TYR E 187 18.51 -26.85 25.68
C TYR E 187 17.40 -25.90 25.28
N ALA E 188 17.74 -24.78 24.63
CA ALA E 188 16.74 -23.80 24.22
C ALA E 188 15.76 -24.36 23.19
N ALA E 189 16.16 -25.36 22.41
CA ALA E 189 15.26 -25.97 21.47
C ALA E 189 14.63 -27.25 22.00
N ASP E 190 15.29 -27.96 22.91
CA ASP E 190 14.83 -29.30 23.25
C ASP E 190 14.23 -29.45 24.63
N GLU E 191 14.63 -28.66 25.63
CA GLU E 191 14.26 -28.97 27.01
C GLU E 191 13.44 -27.86 27.67
N ILE E 192 12.85 -26.97 26.89
CA ILE E 192 12.03 -25.86 27.42
C ILE E 192 11.13 -25.34 26.29
N THR E 193 9.93 -24.94 26.65
CA THR E 193 9.01 -24.41 25.66
C THR E 193 9.39 -22.99 25.24
N HIS E 194 8.90 -22.58 24.08
CA HIS E 194 8.94 -21.18 23.65
C HIS E 194 7.53 -20.77 23.25
N CYS E 195 7.29 -19.46 23.24
CA CYS E 195 5.94 -18.97 23.03
C CYS E 195 6.01 -17.51 22.61
N ILE E 196 4.87 -16.99 22.19
CA ILE E 196 4.70 -15.56 21.97
C ILE E 196 3.53 -15.08 22.81
N ARG E 197 3.74 -13.96 23.58
CA ARG E 197 2.68 -13.42 24.41
C ARG E 197 1.92 -12.32 23.68
N PRO E 198 0.61 -12.20 23.93
CA PRO E 198 -0.16 -11.15 23.23
C PRO E 198 0.36 -9.76 23.47
N GLN E 199 0.84 -9.49 24.69
CA GLN E 199 1.33 -8.16 25.02
C GLN E 199 2.60 -7.82 24.25
N ASP E 200 3.36 -8.83 23.80
CA ASP E 200 4.58 -8.63 23.02
C ASP E 200 4.33 -8.40 21.54
N ILE E 201 3.13 -8.64 21.05
CA ILE E 201 2.78 -8.34 19.66
C ILE E 201 1.91 -7.08 19.70
N LYS E 202 2.55 -5.92 19.59
CA LYS E 202 1.82 -4.66 19.54
C LYS E 202 1.55 -4.19 18.13
N GLU E 203 2.26 -4.73 17.14
CA GLU E 203 1.99 -4.49 15.73
C GLU E 203 2.09 -5.82 15.00
N ARG E 204 1.68 -5.81 13.73
CA ARG E 204 1.77 -7.02 12.92
C ARG E 204 3.20 -7.51 12.81
N ARG E 205 3.37 -8.82 12.98
CA ARG E 205 4.69 -9.43 12.91
C ARG E 205 4.65 -10.73 12.14
N ALA E 206 5.52 -10.90 11.17
CA ALA E 206 5.66 -12.17 10.47
C ALA E 206 7.06 -12.72 10.72
N VAL E 207 7.15 -14.04 10.83
CA VAL E 207 8.43 -14.72 10.99
C VAL E 207 8.45 -15.90 10.04
N ILE E 208 9.56 -16.07 9.32
CA ILE E 208 9.75 -17.24 8.49
C ILE E 208 10.67 -18.17 9.27
N ILE E 209 10.17 -19.36 9.61
CA ILE E 209 10.90 -20.33 10.40
C ILE E 209 11.38 -21.43 9.46
N LEU E 210 12.69 -21.63 9.41
CA LEU E 210 13.31 -22.59 8.50
C LEU E 210 13.82 -23.80 9.27
N ARG E 211 13.39 -24.99 8.86
CA ARG E 211 13.69 -26.19 9.62
C ARG E 211 14.01 -27.34 8.68
N LYS E 212 14.59 -28.39 9.27
CA LYS E 212 14.84 -29.65 8.59
C LYS E 212 13.98 -30.72 9.23
N THR E 213 13.16 -31.38 8.43
CA THR E 213 12.39 -32.49 8.96
C THR E 213 13.27 -33.72 9.03
N ARG E 214 13.11 -34.48 10.11
CA ARG E 214 13.87 -35.71 10.27
C ARG E 214 13.54 -36.72 9.18
N LEU E 215 14.49 -37.61 8.91
CA LEU E 215 14.26 -38.71 8.00
C LEU E 215 13.17 -39.66 8.51
N ASP E 216 12.94 -39.73 9.83
CA ASP E 216 11.96 -40.63 10.41
C ASP E 216 10.70 -39.93 10.88
N ALA E 217 10.43 -38.73 10.38
CA ALA E 217 9.25 -37.98 10.80
C ALA E 217 7.99 -38.60 10.23
N PRO E 218 7.01 -38.97 11.06
CA PRO E 218 5.80 -39.61 10.53
C PRO E 218 4.84 -38.64 9.86
N ARG E 219 4.11 -39.15 8.86
CA ARG E 219 3.18 -38.35 8.09
C ARG E 219 1.75 -38.81 8.32
N LEU E 220 0.81 -37.92 8.04
CA LEU E 220 -0.60 -38.26 8.02
C LEU E 220 -0.87 -39.21 6.88
N GLU F 7 -20.71 -6.40 -0.51
CA GLU F 7 -21.94 -5.62 -0.65
C GLU F 7 -22.81 -5.67 0.60
N GLU F 8 -22.67 -6.75 1.38
CA GLU F 8 -23.41 -6.85 2.64
C GLU F 8 -22.92 -5.86 3.69
N GLU F 9 -21.62 -5.54 3.67
CA GLU F 9 -21.10 -4.46 4.49
C GLU F 9 -21.63 -3.11 4.02
N ALA F 10 -21.75 -2.92 2.70
CA ALA F 10 -22.26 -1.67 2.17
C ALA F 10 -23.65 -1.33 2.69
N ARG F 11 -24.51 -2.34 2.80
CA ARG F 11 -25.83 -2.12 3.36
C ARG F 11 -25.75 -1.72 4.84
N LYS F 12 -24.83 -2.33 5.60
CA LYS F 12 -24.67 -1.95 7.01
C LYS F 12 -24.27 -0.49 7.12
N VAL F 13 -23.38 -0.03 6.24
CA VAL F 13 -22.96 1.37 6.25
C VAL F 13 -24.13 2.29 5.98
N LYS F 14 -25.00 1.92 5.03
CA LYS F 14 -26.09 2.78 4.60
C LYS F 14 -27.02 3.10 5.77
N SER F 15 -27.23 2.14 6.66
CA SER F 15 -28.14 2.30 7.79
C SER F 15 -27.64 3.35 8.77
N GLY F 16 -26.38 3.75 8.70
CA GLY F 16 -25.84 4.77 9.57
C GLY F 16 -25.66 6.14 8.94
N ILE F 17 -26.22 6.38 7.76
CA ILE F 17 -26.04 7.64 7.04
C ILE F 17 -27.40 8.31 6.87
N ARG F 18 -27.51 9.55 7.34
CA ARG F 18 -28.62 10.42 6.99
C ARG F 18 -28.07 11.65 6.26
N GLN F 19 -28.66 11.94 5.10
CA GLN F 19 -28.22 13.05 4.25
C GLN F 19 -29.42 13.75 3.68
N MET F 20 -29.43 15.09 3.74
CA MET F 20 -30.52 15.91 3.22
C MET F 20 -29.96 17.24 2.74
N ARG F 21 -30.61 17.79 1.71
CA ARG F 21 -30.29 19.13 1.23
C ARG F 21 -31.03 20.12 2.13
N LEU F 22 -30.27 20.90 2.89
CA LEU F 22 -30.81 21.76 3.94
C LEU F 22 -30.48 23.23 3.77
N PHE F 23 -29.31 23.55 3.22
CA PHE F 23 -28.87 24.92 3.08
C PHE F 23 -28.90 25.30 1.61
N SER F 24 -29.51 26.46 1.32
CA SER F 24 -29.70 26.98 -0.02
C SER F 24 -28.48 27.77 -0.51
N GLN F 25 -28.56 28.24 -1.76
CA GLN F 25 -27.46 28.99 -2.35
C GLN F 25 -27.20 30.29 -1.59
N ASP F 26 -28.27 30.98 -1.19
CA ASP F 26 -28.09 32.21 -0.43
C ASP F 26 -27.45 31.95 0.93
N GLU F 27 -27.90 30.90 1.62
CA GLU F 27 -27.34 30.56 2.93
C GLU F 27 -25.92 30.03 2.84
N CYS F 28 -25.59 29.32 1.76
CA CYS F 28 -24.22 28.83 1.58
C CYS F 28 -23.24 29.97 1.37
N ALA F 29 -23.63 30.99 0.60
CA ALA F 29 -22.71 32.09 0.34
C ALA F 29 -22.36 32.83 1.63
N LYS F 30 -23.32 32.97 2.54
CA LYS F 30 -23.03 33.64 3.81
C LYS F 30 -22.05 32.81 4.63
N ILE F 31 -22.22 31.50 4.66
CA ILE F 31 -21.29 30.66 5.41
C ILE F 31 -19.92 30.72 4.75
N GLU F 32 -19.88 30.62 3.43
CA GLU F 32 -18.62 30.69 2.70
C GLU F 32 -17.95 32.05 2.86
N ALA F 33 -18.73 33.12 2.98
CA ALA F 33 -18.14 34.40 3.33
C ALA F 33 -17.59 34.39 4.75
N ARG F 34 -18.32 33.79 5.69
CA ARG F 34 -17.83 33.70 7.05
C ARG F 34 -16.61 32.79 7.15
N ILE F 35 -16.59 31.68 6.40
CA ILE F 35 -15.43 30.78 6.40
C ILE F 35 -14.20 31.51 5.90
N ASP F 36 -14.38 32.35 4.90
CA ASP F 36 -13.28 33.13 4.36
C ASP F 36 -12.73 34.07 5.42
N GLU F 37 -13.57 34.47 6.36
CA GLU F 37 -13.13 35.31 7.46
C GLU F 37 -12.33 34.50 8.48
N VAL F 38 -12.65 33.20 8.62
CA VAL F 38 -11.83 32.32 9.46
C VAL F 38 -10.45 32.13 8.84
N VAL F 39 -10.41 31.97 7.51
CA VAL F 39 -9.13 31.84 6.82
C VAL F 39 -8.32 33.12 6.94
N SER F 40 -8.96 34.27 6.73
CA SER F 40 -8.28 35.55 6.84
C SER F 40 -7.84 35.83 8.27
N ARG F 41 -8.71 35.57 9.24
CA ARG F 41 -8.32 35.78 10.64
C ARG F 41 -7.21 34.82 11.05
N ALA F 42 -7.23 33.58 10.54
CA ALA F 42 -6.15 32.66 10.86
C ALA F 42 -4.80 33.14 10.31
N GLU F 43 -4.79 33.69 9.10
CA GLU F 43 -3.53 34.13 8.52
C GLU F 43 -2.95 35.36 9.21
N LYS F 44 -3.77 36.13 9.93
CA LYS F 44 -3.34 37.31 10.65
C LYS F 44 -2.91 37.01 12.08
N GLY F 45 -2.91 35.74 12.49
CA GLY F 45 -2.47 35.40 13.83
C GLY F 45 -3.38 35.80 14.96
N LEU F 46 -4.68 36.00 14.69
CA LEU F 46 -5.61 36.40 15.73
C LEU F 46 -6.26 35.20 16.42
N TYR F 47 -5.89 33.99 16.04
CA TYR F 47 -6.35 32.77 16.68
C TYR F 47 -5.25 32.18 17.56
N ASN F 48 -5.66 31.36 18.53
CA ASN F 48 -4.71 30.67 19.38
C ASN F 48 -3.88 29.68 18.56
N GLU F 49 -2.75 29.27 19.14
CA GLU F 49 -1.81 28.42 18.40
C GLU F 49 -2.49 27.13 17.96
N HIS F 50 -3.22 26.48 18.84
CA HIS F 50 -3.82 25.18 18.54
C HIS F 50 -5.17 25.27 17.85
N THR F 51 -5.71 26.47 17.63
CA THR F 51 -6.93 26.62 16.85
C THR F 51 -6.72 26.25 15.40
N VAL F 52 -5.57 26.57 14.84
CA VAL F 52 -5.29 26.40 13.41
C VAL F 52 -4.33 25.23 13.25
N ASP F 53 -4.71 24.27 12.40
CA ASP F 53 -3.85 23.15 12.05
C ASP F 53 -3.60 23.24 10.56
N ARG F 54 -2.35 23.36 10.16
CA ARG F 54 -2.02 23.64 8.78
C ARG F 54 -1.37 22.41 8.14
N ALA F 55 -1.86 22.02 6.98
CA ALA F 55 -1.25 20.92 6.24
C ALA F 55 -1.16 21.33 4.78
N PRO F 56 -0.30 20.64 3.99
CA PRO F 56 -0.07 21.09 2.61
C PRO F 56 -1.32 21.44 1.81
N LEU F 57 -2.34 20.59 1.82
CA LEU F 57 -3.54 20.85 1.02
C LEU F 57 -4.82 20.87 1.86
N ARG F 58 -4.71 20.84 3.18
CA ARG F 58 -5.87 20.89 4.05
C ARG F 58 -5.52 21.63 5.33
N ASN F 59 -6.38 22.56 5.74
CA ASN F 59 -6.27 23.22 7.04
C ASN F 59 -7.50 22.88 7.86
N LYS F 60 -7.28 22.52 9.12
CA LYS F 60 -8.37 22.24 10.05
C LYS F 60 -8.42 23.37 11.07
N TYR F 61 -9.59 23.91 11.32
CA TYR F 61 -9.78 24.99 12.29
C TYR F 61 -10.66 24.44 13.40
N PHE F 62 -10.09 24.30 14.59
CA PHE F 62 -10.81 23.70 15.71
C PHE F 62 -11.44 24.81 16.54
N PHE F 63 -12.75 24.76 16.70
CA PHE F 63 -13.50 25.72 17.50
C PHE F 63 -14.29 24.98 18.58
N GLY F 64 -14.30 25.55 19.79
CA GLY F 64 -14.98 24.90 20.89
C GLY F 64 -14.14 23.82 21.52
N GLU F 65 -13.82 22.78 20.74
CA GLU F 65 -12.98 21.69 21.19
C GLU F 65 -12.15 21.19 20.01
N GLY F 66 -10.83 21.08 20.20
CA GLY F 66 -9.95 20.53 19.21
C GLY F 66 -9.38 19.18 19.64
N TYR F 67 -8.64 18.54 18.73
CA TYR F 67 -8.13 17.20 19.02
C TYR F 67 -6.80 16.96 18.32
N THR F 68 -5.99 16.10 18.92
CA THR F 68 -4.75 15.64 18.30
C THR F 68 -5.02 14.42 17.44
N TYR F 69 -4.22 14.25 16.40
CA TYR F 69 -4.41 13.14 15.48
C TYR F 69 -3.14 12.90 14.69
N GLY F 70 -3.02 11.70 14.16
CA GLY F 70 -2.01 11.41 13.18
C GLY F 70 -0.59 11.61 13.70
N ALA F 71 0.20 12.38 12.96
CA ALA F 71 1.60 12.52 13.30
C ALA F 71 1.83 13.22 14.63
N GLN F 72 0.87 14.02 15.11
CA GLN F 72 1.04 14.68 16.40
C GLN F 72 0.83 13.75 17.60
N LEU F 73 0.56 12.47 17.36
CA LEU F 73 0.51 11.45 18.40
C LEU F 73 1.89 10.82 18.50
N GLN F 74 2.52 10.86 19.66
CA GLN F 74 3.85 10.32 19.86
C GLN F 74 3.93 8.85 19.42
N LYS F 75 3.05 7.99 19.91
CA LYS F 75 2.91 6.60 19.49
C LYS F 75 1.50 6.39 19.00
N ARG F 76 1.32 6.17 17.70
CA ARG F 76 -0.02 5.89 17.19
C ARG F 76 -0.60 4.66 17.88
N GLY F 77 -1.92 4.67 18.05
CA GLY F 77 -2.63 3.53 18.57
C GLY F 77 -4.04 3.94 18.91
N PRO F 78 -4.95 2.97 18.92
CA PRO F 78 -6.35 3.29 19.24
C PRO F 78 -6.46 3.89 20.62
N GLY F 79 -7.20 5.00 20.71
CA GLY F 79 -7.41 5.68 21.96
C GLY F 79 -6.33 6.64 22.38
N GLN F 80 -5.37 6.95 21.51
CA GLN F 80 -4.28 7.85 21.88
C GLN F 80 -4.59 9.31 21.60
N GLU F 81 -5.61 9.60 20.80
CA GLU F 81 -5.97 10.98 20.51
C GLU F 81 -6.41 11.70 21.80
N ARG F 82 -6.09 12.99 21.87
CA ARG F 82 -6.42 13.78 23.06
C ARG F 82 -7.07 15.08 22.65
N LEU F 83 -8.05 15.51 23.44
CA LEU F 83 -8.54 16.87 23.33
C LEU F 83 -7.49 17.83 23.89
N TYR F 84 -7.56 19.07 23.44
CA TYR F 84 -6.63 20.05 23.97
C TYR F 84 -7.05 20.46 25.38
N PRO F 85 -6.15 21.06 26.15
CA PRO F 85 -6.52 21.52 27.48
C PRO F 85 -7.63 22.54 27.41
N PRO F 86 -8.44 22.65 28.46
CA PRO F 86 -9.59 23.58 28.42
C PRO F 86 -9.15 25.03 28.20
N GLY F 87 -9.91 25.72 27.36
CA GLY F 87 -9.63 27.10 27.02
C GLY F 87 -8.49 27.32 26.07
N ASP F 88 -8.00 26.27 25.40
CA ASP F 88 -6.91 26.44 24.44
C ASP F 88 -7.43 26.89 23.08
N VAL F 89 -8.23 26.05 22.41
CA VAL F 89 -8.76 26.42 21.11
C VAL F 89 -9.82 27.50 21.28
N ASP F 90 -10.00 28.31 20.24
CA ASP F 90 -10.95 29.40 20.28
C ASP F 90 -12.38 28.85 20.39
N GLU F 91 -13.26 29.67 20.97
CA GLU F 91 -14.66 29.29 21.12
C GLU F 91 -15.34 29.22 19.77
N ILE F 92 -16.47 28.51 19.74
CA ILE F 92 -17.26 28.40 18.50
C ILE F 92 -17.73 29.80 18.09
N PRO F 93 -17.50 30.23 16.85
CA PRO F 93 -17.88 31.58 16.44
C PRO F 93 -19.39 31.80 16.50
N GLU F 94 -19.78 33.07 16.70
CA GLU F 94 -21.19 33.42 16.81
C GLU F 94 -21.95 33.08 15.54
N TRP F 95 -21.32 33.26 14.38
CA TRP F 95 -21.97 32.93 13.11
C TRP F 95 -22.19 31.44 12.94
N VAL F 96 -21.36 30.60 13.58
CA VAL F 96 -21.57 29.16 13.49
C VAL F 96 -22.86 28.77 14.21
N HIS F 97 -23.12 29.38 15.37
CA HIS F 97 -24.36 29.14 16.09
C HIS F 97 -25.57 29.54 15.25
N GLN F 98 -25.63 30.83 14.89
CA GLN F 98 -26.82 31.36 14.24
C GLN F 98 -27.05 30.74 12.86
N LEU F 99 -26.06 30.80 11.97
CA LEU F 99 -26.27 30.35 10.60
C LEU F 99 -26.24 28.83 10.44
N VAL F 100 -25.32 28.15 11.12
CA VAL F 100 -25.12 26.71 10.92
C VAL F 100 -25.84 25.88 11.98
N ILE F 101 -25.77 26.28 13.25
CA ILE F 101 -26.16 25.39 14.33
C ILE F 101 -27.64 25.53 14.68
N GLN F 102 -28.21 26.73 14.51
CA GLN F 102 -29.63 26.89 14.78
C GLN F 102 -30.45 26.18 13.73
N LYS F 103 -29.93 26.13 12.49
CA LYS F 103 -30.62 25.44 11.42
C LYS F 103 -30.59 23.94 11.61
N LEU F 104 -29.56 23.39 12.23
CA LEU F 104 -29.59 21.94 12.42
C LEU F 104 -30.51 21.52 13.57
N VAL F 105 -30.54 22.27 14.67
CA VAL F 105 -31.37 21.92 15.82
C VAL F 105 -32.86 22.19 15.53
N GLU F 106 -33.18 23.33 14.92
CA GLU F 106 -34.58 23.63 14.68
C GLU F 106 -35.21 22.68 13.67
N HIS F 107 -34.40 21.99 12.87
CA HIS F 107 -34.88 20.95 11.99
C HIS F 107 -34.66 19.56 12.59
N ARG F 108 -34.34 19.50 13.89
CA ARG F 108 -34.30 18.25 14.66
C ARG F 108 -33.23 17.28 14.17
N VAL F 109 -32.18 17.80 13.52
CA VAL F 109 -31.06 16.93 13.18
C VAL F 109 -30.36 16.47 14.45
N ILE F 110 -30.11 17.39 15.37
CA ILE F 110 -29.49 17.08 16.66
C ILE F 110 -30.17 17.88 17.75
N PRO F 111 -30.13 17.39 18.99
CA PRO F 111 -30.75 18.12 20.09
C PRO F 111 -30.00 19.42 20.38
N GLU F 112 -30.73 20.37 20.96
CA GLU F 112 -30.08 21.60 21.42
C GLU F 112 -29.13 21.29 22.57
N GLY F 113 -27.99 21.97 22.57
CA GLY F 113 -26.95 21.69 23.54
C GLY F 113 -26.12 20.45 23.23
N PHE F 114 -26.33 19.84 22.06
CA PHE F 114 -25.53 18.68 21.67
C PHE F 114 -24.17 19.12 21.14
N VAL F 115 -24.13 20.11 20.27
CA VAL F 115 -22.89 20.47 19.61
C VAL F 115 -22.03 21.30 20.54
N ASN F 116 -20.84 20.79 20.89
CA ASN F 116 -19.86 21.59 21.61
C ASN F 116 -18.54 21.70 20.84
N SER F 117 -18.42 21.07 19.67
CA SER F 117 -17.21 21.13 18.87
C SER F 117 -17.58 21.43 17.42
N ALA F 118 -17.00 22.50 16.88
CA ALA F 118 -17.23 22.86 15.48
C ALA F 118 -15.86 22.97 14.81
N VAL F 119 -15.59 22.07 13.87
CA VAL F 119 -14.30 21.98 13.19
C VAL F 119 -14.51 22.28 11.71
N ILE F 120 -13.74 23.22 11.18
CA ILE F 120 -13.81 23.58 9.78
C ILE F 120 -12.63 22.92 9.08
N ASN F 121 -12.89 22.03 8.15
CA ASN F 121 -11.83 21.44 7.37
C ASN F 121 -11.82 22.17 6.06
N ASP F 122 -10.71 22.76 5.72
CA ASP F 122 -10.56 23.54 4.49
C ASP F 122 -9.65 22.76 3.55
N TYR F 123 -10.21 22.32 2.42
CA TYR F 123 -9.47 21.47 1.48
C TYR F 123 -9.12 22.25 0.22
N GLN F 124 -7.88 22.21 -0.15
CA GLN F 124 -7.44 22.73 -1.43
C GLN F 124 -7.57 21.65 -2.50
N PRO F 125 -7.63 22.02 -3.77
CA PRO F 125 -7.73 21.01 -4.84
C PRO F 125 -6.60 19.99 -4.71
N GLY F 126 -6.96 18.70 -4.83
CA GLY F 126 -6.01 17.64 -4.60
C GLY F 126 -5.86 17.26 -3.15
N GLY F 127 -6.59 17.94 -2.26
CA GLY F 127 -6.55 17.60 -0.85
C GLY F 127 -7.29 16.32 -0.55
N CYS F 128 -7.11 15.84 0.67
CA CYS F 128 -7.67 14.55 1.07
C CYS F 128 -7.62 14.46 2.59
N ILE F 129 -8.24 13.40 3.11
CA ILE F 129 -8.07 12.99 4.50
C ILE F 129 -8.07 11.47 4.51
N VAL F 130 -7.01 10.87 5.08
CA VAL F 130 -6.91 9.41 4.97
C VAL F 130 -7.91 8.75 5.93
N SER F 131 -8.28 7.52 5.61
CA SER F 131 -9.21 6.68 6.35
C SER F 131 -9.03 6.65 7.85
N HIS F 132 -10.07 6.97 8.61
CA HIS F 132 -10.00 6.96 10.06
C HIS F 132 -11.42 6.82 10.63
N VAL F 133 -11.51 6.32 11.86
CA VAL F 133 -12.73 6.38 12.66
C VAL F 133 -12.58 7.54 13.63
N ASP F 134 -13.57 8.42 13.69
CA ASP F 134 -13.54 9.50 14.68
C ASP F 134 -13.45 8.88 16.06
N PRO F 135 -12.43 9.22 16.85
CA PRO F 135 -12.22 8.58 18.12
C PRO F 135 -13.43 8.28 19.01
N ILE F 136 -13.66 7.01 19.26
CA ILE F 136 -14.80 6.62 20.09
C ILE F 136 -14.67 7.21 21.49
N HIS F 137 -13.45 7.25 22.01
CA HIS F 137 -13.17 7.79 23.33
C HIS F 137 -13.18 9.32 23.40
N ILE F 138 -13.27 10.01 22.26
CA ILE F 138 -13.26 11.48 22.23
C ILE F 138 -14.64 12.05 21.91
N PHE F 139 -15.30 11.53 20.87
CA PHE F 139 -16.52 12.12 20.34
C PHE F 139 -17.70 11.18 20.51
N GLU F 140 -18.84 11.74 20.92
CA GLU F 140 -20.12 11.05 20.88
C GLU F 140 -20.73 11.11 19.48
N ARG F 141 -21.72 10.26 19.25
CA ARG F 141 -22.45 10.15 18.00
C ARG F 141 -23.86 10.74 18.14
N PRO F 142 -24.48 11.20 17.03
CA PRO F 142 -24.02 11.14 15.63
C PRO F 142 -23.00 12.22 15.27
N ILE F 143 -22.45 12.11 14.08
CA ILE F 143 -21.47 13.06 13.54
C ILE F 143 -22.13 13.82 12.42
N VAL F 144 -22.15 15.15 12.52
CA VAL F 144 -22.89 15.99 11.60
C VAL F 144 -21.88 16.72 10.73
N SER F 145 -22.06 16.63 9.42
CA SER F 145 -21.14 17.21 8.46
C SER F 145 -21.95 18.06 7.48
N VAL F 146 -21.46 19.27 7.20
CA VAL F 146 -22.12 20.19 6.27
C VAL F 146 -21.05 20.67 5.29
N SER F 147 -21.31 20.48 3.98
CA SER F 147 -20.33 20.79 2.94
C SER F 147 -20.56 22.16 2.34
N PHE F 148 -19.45 22.79 1.94
CA PHE F 148 -19.48 24.13 1.38
C PHE F 148 -18.46 24.26 0.26
N PHE F 149 -18.65 25.28 -0.57
CA PHE F 149 -17.76 25.70 -1.66
C PHE F 149 -17.73 24.81 -2.90
N SER F 150 -18.19 23.56 -2.78
CA SER F 150 -18.10 22.64 -3.91
C SER F 150 -18.88 21.39 -3.58
N ASP F 151 -18.93 20.49 -4.55
CA ASP F 151 -19.45 19.14 -4.37
C ASP F 151 -18.28 18.16 -4.38
N SER F 152 -18.39 17.12 -3.57
CA SER F 152 -17.34 16.12 -3.47
C SER F 152 -17.98 14.80 -3.04
N ALA F 153 -17.15 13.85 -2.62
CA ALA F 153 -17.67 12.55 -2.20
C ALA F 153 -16.97 12.10 -0.93
N LEU F 154 -17.67 11.28 -0.15
CA LEU F 154 -17.16 10.69 1.08
C LEU F 154 -17.11 9.19 0.91
N CYS F 155 -15.95 8.59 1.14
CA CYS F 155 -15.76 7.18 0.91
C CYS F 155 -15.54 6.45 2.24
N PHE F 156 -15.81 5.15 2.22
CA PHE F 156 -15.80 4.33 3.42
C PHE F 156 -14.94 3.10 3.19
N GLY F 157 -14.24 2.68 4.24
CA GLY F 157 -13.44 1.46 4.17
C GLY F 157 -12.32 1.51 3.15
N CYS F 158 -11.65 2.65 3.02
CA CYS F 158 -10.58 2.80 2.05
C CYS F 158 -9.21 2.58 2.67
N LYS F 159 -8.35 1.86 1.94
CA LYS F 159 -6.97 1.64 2.31
C LYS F 159 -6.07 2.56 1.50
N PHE F 160 -5.21 3.32 2.19
CA PHE F 160 -4.33 4.30 1.57
C PHE F 160 -2.92 3.77 1.39
N GLN F 161 -2.34 4.05 0.23
CA GLN F 161 -0.94 3.89 -0.07
C GLN F 161 -0.38 5.27 -0.39
N PHE F 162 0.93 5.45 -0.21
CA PHE F 162 1.54 6.77 -0.33
C PHE F 162 2.75 6.70 -1.25
N LYS F 163 3.22 7.90 -1.63
CA LYS F 163 4.35 8.12 -2.53
C LYS F 163 4.22 7.32 -3.82
N PRO F 164 3.26 7.65 -4.72
CA PRO F 164 2.22 8.66 -4.57
C PRO F 164 0.97 8.09 -3.89
N ILE F 165 0.05 8.98 -3.51
CA ILE F 165 -1.12 8.56 -2.77
C ILE F 165 -2.03 7.72 -3.68
N ARG F 166 -2.34 6.51 -3.24
CA ARG F 166 -3.27 5.62 -3.93
C ARG F 166 -4.31 5.13 -2.94
N VAL F 167 -5.58 5.16 -3.35
CA VAL F 167 -6.69 4.79 -2.47
C VAL F 167 -7.40 3.59 -3.06
N SER F 168 -7.56 2.56 -2.25
CA SER F 168 -8.26 1.37 -2.70
C SER F 168 -9.75 1.71 -2.90
N GLU F 169 -10.44 0.81 -3.59
CA GLU F 169 -11.83 1.06 -3.93
C GLU F 169 -12.69 1.18 -2.67
N PRO F 170 -13.48 2.23 -2.53
CA PRO F 170 -14.34 2.34 -1.35
C PRO F 170 -15.41 1.25 -1.29
N VAL F 171 -15.72 0.84 -0.06
CA VAL F 171 -16.87 -0.02 0.21
C VAL F 171 -18.16 0.69 -0.18
N LEU F 172 -18.21 2.01 0.06
CA LEU F 172 -19.35 2.84 -0.30
C LEU F 172 -18.84 4.24 -0.63
N SER F 173 -19.38 4.82 -1.70
CA SER F 173 -19.09 6.19 -2.09
C SER F 173 -20.35 7.04 -1.88
N LEU F 174 -20.23 8.09 -1.08
CA LEU F 174 -21.36 8.94 -0.77
C LEU F 174 -21.14 10.33 -1.36
N PRO F 175 -21.87 10.73 -2.41
CA PRO F 175 -21.76 12.10 -2.92
C PRO F 175 -22.28 13.11 -1.91
N VAL F 176 -21.44 14.08 -1.54
CA VAL F 176 -21.79 15.14 -0.60
C VAL F 176 -21.83 16.46 -1.38
N ARG F 177 -23.00 17.08 -1.44
CA ARG F 177 -23.20 18.28 -2.24
C ARG F 177 -23.12 19.53 -1.39
N ARG F 178 -22.80 20.65 -2.04
CA ARG F 178 -22.76 21.93 -1.35
C ARG F 178 -24.10 22.23 -0.71
N GLY F 179 -24.07 22.61 0.57
CA GLY F 179 -25.31 22.89 1.27
C GLY F 179 -25.99 21.68 1.85
N SER F 180 -25.44 20.48 1.61
CA SER F 180 -26.03 19.26 2.12
C SER F 180 -25.47 18.92 3.50
N VAL F 181 -26.30 18.25 4.30
CA VAL F 181 -25.95 17.83 5.65
C VAL F 181 -25.78 16.33 5.66
N THR F 182 -24.63 15.87 6.15
CA THR F 182 -24.33 14.44 6.27
C THR F 182 -24.25 14.05 7.74
N VAL F 183 -24.98 13.01 8.11
CA VAL F 183 -25.06 12.52 9.48
C VAL F 183 -24.62 11.06 9.51
N LEU F 184 -23.64 10.74 10.36
CA LEU F 184 -23.16 9.38 10.50
C LEU F 184 -23.44 8.86 11.90
N SER F 185 -23.87 7.60 11.98
CA SER F 185 -24.20 7.00 13.25
C SER F 185 -24.05 5.48 13.15
N GLY F 186 -24.02 4.83 14.31
CA GLY F 186 -24.01 3.38 14.36
C GLY F 186 -22.80 2.79 13.65
N TYR F 187 -23.08 1.88 12.72
CA TYR F 187 -22.02 1.19 12.01
C TYR F 187 -21.18 2.15 11.17
N ALA F 188 -21.82 3.09 10.46
CA ALA F 188 -21.08 3.99 9.59
C ALA F 188 -20.14 4.90 10.38
N ALA F 189 -20.43 5.12 11.66
CA ALA F 189 -19.60 6.00 12.48
C ALA F 189 -18.57 5.25 13.31
N ASP F 190 -18.79 3.99 13.63
CA ASP F 190 -17.98 3.24 14.57
C ASP F 190 -17.19 2.09 13.96
N GLU F 191 -17.80 1.27 13.10
CA GLU F 191 -17.22 0.00 12.68
C GLU F 191 -16.65 0.04 11.27
N ILE F 192 -16.46 1.23 10.70
CA ILE F 192 -15.80 1.38 9.41
C ILE F 192 -15.22 2.80 9.35
N THR F 193 -14.04 2.92 8.74
CA THR F 193 -13.41 4.22 8.55
C THR F 193 -14.05 4.97 7.38
N HIS F 194 -13.89 6.29 7.40
CA HIS F 194 -14.29 7.12 6.28
C HIS F 194 -13.13 8.02 5.88
N CYS F 195 -13.18 8.51 4.65
CA CYS F 195 -12.06 9.24 4.09
C CYS F 195 -12.56 10.13 2.95
N ILE F 196 -11.67 11.01 2.50
CA ILE F 196 -11.85 11.82 1.30
C ILE F 196 -10.65 11.56 0.40
N ARG F 197 -10.91 11.25 -0.89
CA ARG F 197 -9.86 10.93 -1.84
C ARG F 197 -9.43 12.15 -2.64
N PRO F 198 -8.16 12.19 -3.08
CA PRO F 198 -7.71 13.35 -3.88
C PRO F 198 -8.49 13.56 -5.16
N GLN F 199 -8.92 12.49 -5.85
CA GLN F 199 -9.69 12.66 -7.07
C GLN F 199 -11.08 13.22 -6.81
N ASP F 200 -11.63 13.03 -5.61
CA ASP F 200 -12.94 13.57 -5.27
C ASP F 200 -12.89 15.04 -4.89
N ILE F 201 -11.70 15.60 -4.65
CA ILE F 201 -11.56 17.04 -4.40
C ILE F 201 -10.94 17.71 -5.62
N LYS F 202 -11.77 18.23 -6.54
CA LYS F 202 -11.26 18.94 -7.70
C LYS F 202 -11.21 20.45 -7.53
N GLU F 203 -11.93 21.02 -6.56
CA GLU F 203 -11.86 22.44 -6.24
C GLU F 203 -11.84 22.59 -4.73
N ARG F 204 -11.65 23.84 -4.28
CA ARG F 204 -11.64 24.14 -2.86
C ARG F 204 -12.98 23.74 -2.25
N ARG F 205 -12.93 23.00 -1.15
CA ARG F 205 -14.13 22.56 -0.48
C ARG F 205 -13.91 22.62 1.02
N ALA F 206 -14.84 23.23 1.73
CA ALA F 206 -14.83 23.31 3.18
C ALA F 206 -16.01 22.53 3.72
N VAL F 207 -15.80 21.90 4.87
CA VAL F 207 -16.85 21.19 5.57
C VAL F 207 -16.78 21.59 7.04
N ILE F 208 -17.93 21.90 7.63
CA ILE F 208 -18.02 22.20 9.05
C ILE F 208 -18.56 20.95 9.74
N ILE F 209 -17.75 20.36 10.61
CA ILE F 209 -18.09 19.11 11.28
C ILE F 209 -18.49 19.44 12.71
N LEU F 210 -19.73 19.09 13.08
CA LEU F 210 -20.29 19.37 14.40
C LEU F 210 -20.42 18.07 15.19
N ARG F 211 -19.78 18.04 16.36
CA ARG F 211 -19.67 16.82 17.16
C ARG F 211 -19.88 17.15 18.62
N LYS F 212 -20.12 16.10 19.40
CA LYS F 212 -20.23 16.15 20.85
C LYS F 212 -19.09 15.35 21.45
N THR F 213 -18.28 16.00 22.28
CA THR F 213 -17.21 15.30 22.99
C THR F 213 -17.75 14.59 24.23
N ARG F 214 -17.20 13.41 24.53
CA ARG F 214 -17.63 12.70 25.72
C ARG F 214 -17.23 13.48 26.97
N LEU F 215 -17.94 13.27 28.03
CA LEU F 215 -17.62 13.92 29.29
C LEU F 215 -16.33 13.39 29.84
N ASP F 216 -15.98 12.17 29.52
CA ASP F 216 -14.75 11.57 30.02
C ASP F 216 -13.64 11.51 28.96
N ALA F 217 -13.74 12.32 27.90
CA ALA F 217 -12.74 12.30 26.84
C ALA F 217 -11.43 12.91 27.35
N PRO F 218 -10.31 12.20 27.25
CA PRO F 218 -9.06 12.71 27.84
C PRO F 218 -8.47 13.89 27.09
N ARG F 219 -7.81 14.76 27.86
CA ARG F 219 -7.22 15.98 27.34
C ARG F 219 -5.70 15.90 27.45
N LEU F 220 -5.01 16.73 26.67
CA LEU F 220 -3.57 16.83 26.77
C LEU F 220 -3.18 17.40 28.13
#